data_8H3Z
#
_entry.id   8H3Z
#
_cell.length_a   59.697
_cell.length_b   69.41
_cell.length_c   114.31
_cell.angle_alpha   90
_cell.angle_beta   90
_cell.angle_gamma   90
#
_symmetry.space_group_name_H-M   'P 21 21 21'
#
loop_
_entity.id
_entity.type
_entity.pdbx_description
1 polymer NtcB
2 non-polymer 'IODIDE ION'
3 water water
#
_entity_poly.entity_id   1
_entity_poly.type   'polypeptide(L)'
_entity_poly.pdbx_seq_one_letter_code
;HHHHHHELCIAAIHSLCGSYLPPVLQKFCRDYPEVQLRVTSLGSDRALKVLKDGLVDLAIVMNNRFLTTGRDMVVEVLYD
EPIELLTAANHPLAAYERVPWSELVRYPQVVFKDGYGMQRLVQEKFERLEATLQAALEVNTLDAFRGVVRQGELIALLPS
SALVEARLDPTLAVRPLANSALPENSGLTRRVVMVTTQDRLQIPPIKHFWQLVRENIPPIVERQRSAS
;
_entity_poly.pdbx_strand_id   A,B
#
# COMPACT_ATOMS: atom_id res chain seq x y z
N GLU A 7 -13.65 6.73 -15.75
CA GLU A 7 -14.88 7.53 -15.49
C GLU A 7 -15.33 7.28 -14.05
N LEU A 8 -14.93 6.14 -13.46
CA LEU A 8 -15.32 5.82 -12.08
C LEU A 8 -14.11 5.71 -11.14
N CYS A 9 -14.15 6.52 -10.06
CA CYS A 9 -13.02 6.73 -9.16
C CYS A 9 -13.43 6.37 -7.74
N ILE A 10 -12.67 5.46 -7.12
CA ILE A 10 -12.99 4.90 -5.82
C ILE A 10 -11.87 5.31 -4.85
N ALA A 11 -12.20 5.65 -3.61
CA ALA A 11 -11.21 5.72 -2.54
C ALA A 11 -11.56 4.64 -1.52
N ALA A 12 -10.52 4.06 -0.92
CA ALA A 12 -10.68 2.92 -0.05
C ALA A 12 -9.48 2.74 0.87
N ILE A 13 -9.78 2.41 2.14
CA ILE A 13 -8.77 2.08 3.14
C ILE A 13 -7.98 0.87 2.66
N HIS A 14 -6.71 0.77 3.09
CA HIS A 14 -5.78 -0.18 2.48
C HIS A 14 -6.27 -1.63 2.54
N SER A 15 -7.07 -2.02 3.55
CA SER A 15 -7.40 -3.42 3.79
C SER A 15 -8.28 -4.02 2.67
N LEU A 16 -8.94 -3.16 1.89
CA LEU A 16 -9.97 -3.61 0.96
C LEU A 16 -9.38 -4.30 -0.27
N CYS A 17 -8.30 -3.77 -0.86
CA CYS A 17 -7.76 -4.32 -2.13
C CYS A 17 -7.00 -5.63 -1.90
N GLY A 18 -6.76 -5.98 -0.65
CA GLY A 18 -6.14 -7.28 -0.32
C GLY A 18 -7.12 -8.11 0.48
N SER A 19 -8.38 -7.67 0.51
CA SER A 19 -9.42 -8.43 1.22
C SER A 19 -10.60 -8.66 0.28
N TYR A 20 -11.64 -7.85 0.36
CA TYR A 20 -12.91 -8.13 -0.34
C TYR A 20 -13.15 -7.41 -1.66
N LEU A 21 -12.37 -6.39 -1.99
CA LEU A 21 -12.70 -5.58 -3.19
C LEU A 21 -12.30 -6.20 -4.52
N PRO A 22 -11.18 -6.93 -4.69
CA PRO A 22 -10.83 -7.36 -6.03
C PRO A 22 -11.93 -8.12 -6.78
N PRO A 23 -12.74 -9.01 -6.16
CA PRO A 23 -13.87 -9.62 -6.87
C PRO A 23 -14.95 -8.66 -7.39
N VAL A 24 -15.13 -7.54 -6.68
CA VAL A 24 -16.11 -6.55 -7.06
C VAL A 24 -15.60 -5.79 -8.30
N LEU A 25 -14.33 -5.36 -8.26
CA LEU A 25 -13.74 -4.71 -9.42
C LEU A 25 -13.99 -5.56 -10.67
N GLN A 26 -13.88 -6.89 -10.52
CA GLN A 26 -13.82 -7.81 -11.66
C GLN A 26 -15.23 -7.94 -12.25
N LYS A 27 -16.22 -8.06 -11.36
CA LYS A 27 -17.63 -8.11 -11.79
C LYS A 27 -17.98 -6.75 -12.40
N PHE A 28 -17.33 -5.67 -11.91
CA PHE A 28 -17.76 -4.35 -12.38
C PHE A 28 -17.25 -4.08 -13.79
N CYS A 29 -15.99 -4.45 -14.07
CA CYS A 29 -15.36 -4.23 -15.37
C CYS A 29 -16.04 -5.09 -16.44
N ARG A 30 -16.49 -6.28 -16.04
CA ARG A 30 -17.20 -7.17 -17.00
C ARG A 30 -18.61 -6.64 -17.28
N ASP A 31 -19.19 -5.87 -16.36
CA ASP A 31 -20.58 -5.44 -16.53
C ASP A 31 -20.65 -4.10 -17.24
N TYR A 32 -19.61 -3.29 -17.02
CA TYR A 32 -19.47 -1.96 -17.65
C TYR A 32 -18.07 -1.86 -18.25
N PRO A 33 -17.80 -2.52 -19.39
CA PRO A 33 -16.45 -2.56 -19.94
C PRO A 33 -15.85 -1.28 -20.52
N GLU A 34 -16.65 -0.29 -20.89
CA GLU A 34 -16.01 0.91 -21.46
C GLU A 34 -15.67 1.89 -20.33
N VAL A 35 -15.98 1.52 -19.10
CA VAL A 35 -15.75 2.43 -17.94
C VAL A 35 -14.33 2.26 -17.40
N GLN A 36 -13.59 3.36 -17.33
CA GLN A 36 -12.24 3.28 -16.71
C GLN A 36 -12.40 3.33 -15.20
N LEU A 37 -11.86 2.34 -14.50
CA LEU A 37 -11.89 2.26 -13.05
C LEU A 37 -10.56 2.74 -12.47
N ARG A 38 -10.58 3.73 -11.56
CA ARG A 38 -9.46 4.07 -10.68
C ARG A 38 -9.84 3.72 -9.25
N VAL A 39 -8.95 3.02 -8.52
CA VAL A 39 -9.08 2.77 -7.09
C VAL A 39 -7.82 3.26 -6.37
N THR A 40 -7.99 4.29 -5.52
CA THR A 40 -6.89 4.87 -4.77
C THR A 40 -7.00 4.45 -3.31
N SER A 41 -5.97 3.77 -2.80
CA SER A 41 -5.92 3.37 -1.40
C SER A 41 -5.42 4.54 -0.56
N LEU A 42 -6.11 4.86 0.53
CA LEU A 42 -5.90 6.10 1.26
C LEU A 42 -6.29 5.87 2.72
N GLY A 43 -5.74 6.66 3.62
CA GLY A 43 -6.29 6.80 4.96
C GLY A 43 -7.67 7.46 4.89
N SER A 44 -8.54 7.15 5.86
CA SER A 44 -9.91 7.62 5.90
C SER A 44 -10.06 9.14 5.76
N ASP A 45 -9.20 9.94 6.42
CA ASP A 45 -9.34 11.39 6.33
C ASP A 45 -9.25 11.83 4.85
N ARG A 46 -8.18 11.46 4.15
CA ARG A 46 -8.01 11.88 2.76
C ARG A 46 -9.11 11.34 1.83
N ALA A 47 -9.53 10.08 2.04
CA ALA A 47 -10.61 9.46 1.29
C ALA A 47 -11.88 10.30 1.33
N LEU A 48 -12.15 10.91 2.50
CA LEU A 48 -13.32 11.76 2.66
C LEU A 48 -13.08 13.15 2.07
N LYS A 49 -11.88 13.72 2.25
CA LYS A 49 -11.54 14.98 1.60
C LYS A 49 -11.86 14.86 0.12
N VAL A 50 -11.36 13.79 -0.53
CA VAL A 50 -11.46 13.66 -1.97
C VAL A 50 -12.89 13.37 -2.42
N LEU A 51 -13.70 12.71 -1.58
CA LEU A 51 -15.13 12.57 -1.85
C LEU A 51 -15.80 13.95 -1.80
N LYS A 52 -15.62 14.67 -0.68
CA LYS A 52 -16.16 16.02 -0.56
C LYS A 52 -15.82 16.90 -1.76
N ASP A 53 -14.63 16.72 -2.35
CA ASP A 53 -14.11 17.60 -3.39
C ASP A 53 -14.45 17.09 -4.79
N GLY A 54 -15.13 15.95 -4.93
CA GLY A 54 -15.53 15.49 -6.25
C GLY A 54 -14.46 14.69 -7.00
N LEU A 55 -13.31 14.43 -6.34
CA LEU A 55 -12.20 13.72 -6.99
C LEU A 55 -12.46 12.21 -7.06
N VAL A 56 -13.21 11.64 -6.10
CA VAL A 56 -13.70 10.27 -6.21
C VAL A 56 -15.21 10.30 -6.22
N ASP A 57 -15.84 9.20 -6.65
CA ASP A 57 -17.29 9.08 -6.74
C ASP A 57 -17.88 8.40 -5.51
N LEU A 58 -17.08 7.55 -4.84
CA LEU A 58 -17.48 6.99 -3.57
C LEU A 58 -16.25 6.46 -2.84
N ALA A 59 -16.42 6.28 -1.54
CA ALA A 59 -15.32 5.94 -0.65
C ALA A 59 -15.81 4.88 0.33
N ILE A 60 -14.93 3.91 0.59
CA ILE A 60 -15.07 2.98 1.68
C ILE A 60 -14.03 3.35 2.74
N VAL A 61 -14.52 3.64 3.95
CA VAL A 61 -13.73 4.29 4.98
C VAL A 61 -14.04 3.64 6.34
N MET A 62 -13.17 3.99 7.28
CA MET A 62 -13.34 3.70 8.68
C MET A 62 -14.25 4.79 9.27
N ASN A 63 -15.35 4.34 9.90
CA ASN A 63 -16.33 5.19 10.55
C ASN A 63 -15.63 6.24 11.42
N ASN A 64 -16.03 7.52 11.26
CA ASN A 64 -15.54 8.63 12.08
C ASN A 64 -16.63 9.16 13.02
N ARG A 65 -17.81 8.50 12.97
CA ARG A 65 -18.98 8.77 13.81
C ARG A 65 -19.80 9.99 13.36
N PHE A 66 -19.47 10.63 12.22
CA PHE A 66 -20.19 11.84 11.83
C PHE A 66 -20.70 11.80 10.39
N LEU A 67 -20.67 10.63 9.74
CA LEU A 67 -20.87 10.58 8.29
C LEU A 67 -22.24 11.10 7.85
N THR A 68 -23.27 10.97 8.69
CA THR A 68 -24.64 11.30 8.29
C THR A 68 -24.96 12.79 8.53
N THR A 69 -24.01 13.57 9.06
CA THR A 69 -24.17 15.01 9.26
C THR A 69 -24.08 15.80 7.96
N GLY A 70 -23.49 15.22 6.91
CA GLY A 70 -23.48 15.85 5.59
C GLY A 70 -24.84 15.75 4.92
N ARG A 71 -25.22 16.80 4.19
CA ARG A 71 -26.57 16.93 3.66
C ARG A 71 -26.89 15.81 2.66
N ASP A 72 -26.01 15.59 1.67
CA ASP A 72 -26.33 14.74 0.53
C ASP A 72 -25.90 13.28 0.76
N MET A 73 -25.70 12.87 2.02
CA MET A 73 -24.90 11.68 2.29
C MET A 73 -25.75 10.41 2.22
N VAL A 74 -25.22 9.35 1.62
CA VAL A 74 -25.80 8.04 1.88
C VAL A 74 -24.66 7.13 2.34
N VAL A 75 -24.96 6.30 3.35
CA VAL A 75 -23.97 5.59 4.15
C VAL A 75 -24.43 4.14 4.33
N GLU A 76 -23.59 3.18 3.91
CA GLU A 76 -23.89 1.76 4.11
C GLU A 76 -22.82 1.10 4.99
N VAL A 77 -23.25 0.57 6.14
CA VAL A 77 -22.34 -0.18 6.98
C VAL A 77 -22.08 -1.53 6.32
N LEU A 78 -20.78 -1.85 6.14
CA LEU A 78 -20.34 -3.07 5.49
C LEU A 78 -20.05 -4.15 6.54
N TYR A 79 -19.15 -3.86 7.50
CA TYR A 79 -18.78 -4.83 8.52
C TYR A 79 -18.11 -4.14 9.73
N ASP A 80 -18.22 -4.82 10.88
CA ASP A 80 -17.40 -4.57 12.07
C ASP A 80 -16.31 -5.65 12.14
N GLU A 81 -15.20 -5.33 12.79
CA GLU A 81 -14.08 -6.26 12.78
C GLU A 81 -13.15 -6.01 13.95
N PRO A 82 -12.54 -7.09 14.48
CA PRO A 82 -11.58 -6.95 15.57
C PRO A 82 -10.25 -6.43 15.08
N ILE A 83 -9.55 -5.77 16.01
CA ILE A 83 -8.14 -5.48 15.88
C ILE A 83 -7.32 -6.64 16.44
N GLU A 84 -6.27 -7.01 15.68
CA GLU A 84 -5.45 -8.16 16.06
C GLU A 84 -3.99 -7.72 16.01
N LEU A 85 -3.10 -8.58 16.53
CA LEU A 85 -1.69 -8.24 16.65
C LEU A 85 -0.88 -8.96 15.59
N LEU A 86 0.09 -8.25 15.04
CA LEU A 86 1.00 -8.79 14.05
C LEU A 86 2.42 -8.72 14.63
N THR A 87 3.12 -9.87 14.58
CA THR A 87 4.49 -10.00 15.03
C THR A 87 5.24 -10.89 14.04
N ALA A 88 6.58 -10.81 14.10
CA ALA A 88 7.46 -11.84 13.57
C ALA A 88 7.10 -13.17 14.20
N ALA A 89 7.21 -14.22 13.37
CA ALA A 89 7.00 -15.61 13.74
C ALA A 89 7.63 -15.92 15.09
N ASN A 90 8.89 -15.49 15.28
CA ASN A 90 9.65 -15.86 16.47
C ASN A 90 9.62 -14.75 17.52
N HIS A 91 8.64 -13.85 17.44
CA HIS A 91 8.46 -12.85 18.47
C HIS A 91 7.94 -13.51 19.74
N PRO A 92 8.45 -13.13 20.93
CA PRO A 92 7.97 -13.70 22.19
C PRO A 92 6.44 -13.78 22.33
N LEU A 93 5.76 -12.72 21.86
CA LEU A 93 4.29 -12.62 21.94
C LEU A 93 3.61 -13.69 21.08
N ALA A 94 4.33 -14.20 20.08
CA ALA A 94 3.78 -15.31 19.29
C ALA A 94 3.51 -16.53 20.17
N ALA A 95 4.19 -16.64 21.33
CA ALA A 95 3.99 -17.77 22.23
C ALA A 95 2.53 -17.87 22.67
N TYR A 96 1.88 -16.73 22.93
CA TYR A 96 0.52 -16.75 23.43
C TYR A 96 -0.44 -17.13 22.31
N GLU A 97 -1.62 -17.63 22.72
CA GLU A 97 -2.75 -17.85 21.83
C GLU A 97 -3.56 -16.55 21.69
N ARG A 98 -3.81 -15.93 22.84
CA ARG A 98 -4.52 -14.62 22.87
C ARG A 98 -3.59 -13.68 23.63
N VAL A 99 -3.04 -12.68 22.96
CA VAL A 99 -2.03 -11.82 23.57
C VAL A 99 -2.73 -10.92 24.61
N PRO A 100 -2.22 -10.86 25.86
CA PRO A 100 -2.72 -9.88 26.84
C PRO A 100 -2.12 -8.50 26.67
N TRP A 101 -2.96 -7.48 26.90
CA TRP A 101 -2.59 -6.08 26.83
C TRP A 101 -1.41 -5.78 27.74
N SER A 102 -1.36 -6.38 28.94
CA SER A 102 -0.34 -6.06 29.93
C SER A 102 1.06 -6.37 29.39
N GLU A 103 1.17 -7.35 28.48
CA GLU A 103 2.44 -7.71 27.86
C GLU A 103 2.69 -6.90 26.58
N LEU A 104 1.65 -6.86 25.75
CA LEU A 104 1.64 -6.19 24.45
C LEU A 104 2.06 -4.72 24.60
N VAL A 105 1.68 -4.08 25.72
CA VAL A 105 1.96 -2.66 25.93
C VAL A 105 3.46 -2.42 26.11
N ARG A 106 4.24 -3.47 26.36
CA ARG A 106 5.63 -3.35 26.76
C ARG A 106 6.58 -3.38 25.56
N TYR A 107 6.02 -3.51 24.34
CA TYR A 107 6.82 -3.68 23.15
C TYR A 107 6.67 -2.49 22.19
N PRO A 108 7.78 -2.01 21.62
CA PRO A 108 7.73 -0.94 20.64
C PRO A 108 7.00 -1.34 19.36
N GLN A 109 6.24 -0.40 18.80
CA GLN A 109 5.31 -0.72 17.71
C GLN A 109 5.64 0.04 16.44
N VAL A 110 5.27 -0.56 15.29
CA VAL A 110 5.03 0.17 14.06
C VAL A 110 3.58 0.64 14.11
N VAL A 111 3.35 1.85 13.60
CA VAL A 111 2.01 2.42 13.58
C VAL A 111 1.77 3.08 12.22
N PHE A 112 0.49 3.32 11.91
CA PHE A 112 0.05 4.28 10.93
C PHE A 112 0.42 5.72 11.29
N LYS A 113 0.68 6.50 10.24
CA LYS A 113 0.91 7.93 10.37
C LYS A 113 -0.43 8.67 10.39
N ASP A 114 -0.32 10.00 10.29
CA ASP A 114 -1.46 10.91 10.41
C ASP A 114 -2.43 10.75 9.25
N GLY A 115 -3.73 10.84 9.57
CA GLY A 115 -4.78 10.77 8.57
C GLY A 115 -5.40 9.38 8.45
N TYR A 116 -4.92 8.43 9.26
CA TYR A 116 -5.51 7.09 9.30
C TYR A 116 -6.30 6.95 10.60
N GLY A 117 -7.56 6.51 10.46
CA GLY A 117 -8.38 6.11 11.59
C GLY A 117 -7.69 5.14 12.53
N MET A 118 -6.89 4.22 11.97
CA MET A 118 -6.19 3.25 12.80
C MET A 118 -5.19 3.93 13.72
N GLN A 119 -4.57 5.04 13.30
CA GLN A 119 -3.66 5.76 14.18
C GLN A 119 -4.36 6.25 15.45
N ARG A 120 -5.52 6.89 15.30
CA ARG A 120 -6.20 7.44 16.50
C ARG A 120 -6.68 6.27 17.36
N LEU A 121 -7.38 5.32 16.74
CA LEU A 121 -7.90 4.17 17.47
C LEU A 121 -6.81 3.62 18.40
N VAL A 122 -5.58 3.48 17.90
CA VAL A 122 -4.47 2.95 18.68
C VAL A 122 -3.96 3.94 19.74
N GLN A 123 -3.77 5.22 19.39
CA GLN A 123 -3.27 6.20 20.37
C GLN A 123 -4.23 6.37 21.55
N GLU A 124 -5.53 6.49 21.25
CA GLU A 124 -6.56 6.68 22.26
C GLU A 124 -6.64 5.49 23.22
N LYS A 125 -6.64 4.26 22.67
CA LYS A 125 -6.66 3.04 23.48
C LYS A 125 -5.52 3.10 24.49
N PHE A 126 -4.31 3.46 24.03
CA PHE A 126 -3.13 3.51 24.89
C PHE A 126 -3.25 4.63 25.93
N GLU A 127 -3.76 5.81 25.54
CA GLU A 127 -4.11 6.82 26.52
C GLU A 127 -5.06 6.20 27.56
N ARG A 128 -6.06 5.43 27.09
CA ARG A 128 -7.13 4.99 27.96
C ARG A 128 -6.68 3.89 28.91
N LEU A 129 -5.47 3.37 28.68
CA LEU A 129 -4.95 2.25 29.43
C LEU A 129 -3.87 2.76 30.37
N GLU A 130 -3.56 4.08 30.31
CA GLU A 130 -2.59 4.74 31.19
C GLU A 130 -1.20 4.20 30.90
N ALA A 131 -1.07 3.50 29.78
CA ALA A 131 0.22 3.00 29.33
C ALA A 131 0.70 3.92 28.21
N THR A 132 2.02 4.04 28.06
CA THR A 132 2.59 4.92 27.06
C THR A 132 2.92 4.12 25.81
N LEU A 133 2.43 4.60 24.66
CA LEU A 133 2.67 4.01 23.35
C LEU A 133 4.13 4.29 22.99
N GLN A 134 4.87 3.28 22.55
CA GLN A 134 6.20 3.50 21.99
C GLN A 134 6.15 3.37 20.48
N ALA A 135 6.02 4.49 19.79
CA ALA A 135 5.74 4.51 18.37
C ALA A 135 7.07 4.77 17.66
N ALA A 136 7.84 3.71 17.49
CA ALA A 136 9.16 3.80 16.89
C ALA A 136 9.08 4.15 15.38
N LEU A 137 8.02 3.73 14.69
CA LEU A 137 8.00 3.90 13.24
C LEU A 137 6.58 4.17 12.77
N GLU A 138 6.46 5.14 11.87
CA GLU A 138 5.21 5.37 11.16
C GLU A 138 5.34 4.95 9.71
N VAL A 139 4.24 4.44 9.18
CA VAL A 139 4.19 3.77 7.89
C VAL A 139 2.79 4.04 7.31
N ASN A 140 2.61 3.80 6.01
CA ASN A 140 1.34 4.12 5.37
C ASN A 140 0.86 3.01 4.42
N THR A 141 1.38 1.79 4.52
CA THR A 141 0.85 0.67 3.75
C THR A 141 1.06 -0.62 4.52
N LEU A 142 0.25 -1.61 4.17
CA LEU A 142 0.30 -2.93 4.76
C LEU A 142 1.58 -3.66 4.32
N ASP A 143 2.05 -3.41 3.09
CA ASP A 143 3.31 -3.99 2.65
C ASP A 143 4.45 -3.59 3.59
N ALA A 144 4.50 -2.30 3.97
CA ALA A 144 5.52 -1.78 4.85
C ALA A 144 5.37 -2.36 6.26
N PHE A 145 4.14 -2.50 6.71
CA PHE A 145 3.87 -3.12 7.99
C PHE A 145 4.47 -4.53 8.01
N ARG A 146 4.18 -5.33 6.98
CA ARG A 146 4.71 -6.68 6.90
C ARG A 146 6.24 -6.70 6.76
N GLY A 147 6.80 -5.83 5.89
CA GLY A 147 8.24 -5.79 5.66
C GLY A 147 9.03 -5.51 6.94
N VAL A 148 8.56 -4.54 7.70
CA VAL A 148 9.21 -4.07 8.92
C VAL A 148 9.05 -5.09 10.04
N VAL A 149 7.83 -5.64 10.23
CA VAL A 149 7.57 -6.60 11.30
C VAL A 149 8.34 -7.92 11.11
N ARG A 150 8.71 -8.26 9.88
CA ARG A 150 9.53 -9.49 9.65
C ARG A 150 10.92 -9.33 10.27
N GLN A 151 11.28 -8.13 10.74
CA GLN A 151 12.59 -7.84 11.32
C GLN A 151 12.64 -8.08 12.84
N GLY A 152 11.50 -8.33 13.49
CA GLY A 152 11.49 -8.94 14.82
C GLY A 152 11.69 -7.96 15.99
N GLU A 153 11.72 -6.66 15.72
CA GLU A 153 11.78 -5.66 16.77
C GLU A 153 10.36 -5.17 17.08
N LEU A 154 9.55 -4.96 16.04
CA LEU A 154 8.35 -4.16 16.17
C LEU A 154 7.13 -5.06 15.97
N ILE A 155 6.01 -4.65 16.55
CA ILE A 155 4.74 -5.35 16.49
C ILE A 155 3.70 -4.32 16.04
N ALA A 156 2.54 -4.76 15.56
CA ALA A 156 1.61 -3.86 14.92
C ALA A 156 0.18 -4.28 15.24
N LEU A 157 -0.66 -3.29 15.61
CA LEU A 157 -2.09 -3.46 15.80
C LEU A 157 -2.82 -3.14 14.49
N LEU A 158 -3.45 -4.18 13.92
CA LEU A 158 -4.07 -4.05 12.62
C LEU A 158 -5.46 -4.66 12.64
N PRO A 159 -6.37 -4.12 11.80
CA PRO A 159 -7.69 -4.69 11.61
C PRO A 159 -7.56 -6.07 10.98
N SER A 160 -8.52 -6.93 11.33
CA SER A 160 -8.55 -8.32 10.92
C SER A 160 -8.38 -8.47 9.41
N SER A 161 -9.08 -7.63 8.65
CA SER A 161 -9.11 -7.80 7.21
C SER A 161 -7.82 -7.25 6.56
N ALA A 162 -6.92 -6.66 7.36
CA ALA A 162 -5.67 -6.12 6.89
C ALA A 162 -4.55 -7.15 7.07
N LEU A 163 -4.92 -8.33 7.58
CA LEU A 163 -3.97 -9.36 7.92
C LEU A 163 -4.11 -10.60 7.01
N VAL A 164 -4.87 -10.50 5.92
CA VAL A 164 -5.09 -11.66 5.05
C VAL A 164 -3.75 -12.23 4.60
N GLU A 165 -2.87 -11.42 3.99
CA GLU A 165 -1.60 -11.93 3.46
C GLU A 165 -0.63 -12.26 4.59
N ALA A 166 -0.72 -11.56 5.74
CA ALA A 166 0.16 -11.84 6.88
C ALA A 166 -0.04 -13.25 7.47
N ARG A 167 -1.28 -13.75 7.47
CA ARG A 167 -1.64 -15.09 7.93
C ARG A 167 -1.03 -16.23 7.09
N LEU A 168 -0.76 -15.95 5.80
CA LEU A 168 -0.21 -16.90 4.85
C LEU A 168 1.31 -16.77 4.80
N ASP A 169 1.90 -15.94 5.67
CA ASP A 169 3.33 -15.72 5.64
C ASP A 169 3.96 -16.37 6.88
N PRO A 170 4.78 -17.43 6.72
CA PRO A 170 5.31 -18.21 7.87
C PRO A 170 6.32 -17.44 8.71
N THR A 171 6.81 -16.32 8.16
CA THR A 171 7.72 -15.42 8.83
C THR A 171 6.96 -14.47 9.77
N LEU A 172 5.62 -14.45 9.67
CA LEU A 172 4.81 -13.59 10.50
C LEU A 172 3.89 -14.46 11.35
N ALA A 173 3.53 -13.95 12.53
CA ALA A 173 2.42 -14.46 13.32
C ALA A 173 1.33 -13.39 13.50
N VAL A 174 0.09 -13.81 13.32
CA VAL A 174 -1.08 -13.02 13.64
C VAL A 174 -1.76 -13.67 14.85
N ARG A 175 -2.09 -12.87 15.87
CA ARG A 175 -2.77 -13.37 17.05
C ARG A 175 -3.94 -12.46 17.44
N PRO A 176 -5.07 -13.03 17.94
CA PRO A 176 -6.06 -12.22 18.65
C PRO A 176 -5.56 -11.67 19.98
N LEU A 177 -6.24 -10.63 20.46
CA LEU A 177 -6.01 -10.04 21.76
C LEU A 177 -6.92 -10.74 22.76
N ALA A 178 -6.64 -10.58 24.07
CA ALA A 178 -7.33 -11.37 25.09
C ALA A 178 -8.78 -10.86 25.27
N GLY A 187 -13.54 -5.84 22.96
CA GLY A 187 -12.15 -5.64 22.46
C GLY A 187 -12.05 -4.41 21.58
N LEU A 188 -10.85 -4.14 21.04
CA LEU A 188 -10.69 -3.13 19.99
C LEU A 188 -11.35 -3.64 18.72
N THR A 189 -12.23 -2.81 18.15
CA THR A 189 -12.93 -3.14 16.93
C THR A 189 -13.03 -1.89 16.06
N ARG A 190 -13.37 -2.09 14.78
CA ARG A 190 -13.68 -0.95 13.95
C ARG A 190 -14.84 -1.27 13.02
N ARG A 191 -15.48 -0.19 12.57
CA ARG A 191 -16.66 -0.29 11.67
C ARG A 191 -16.31 0.31 10.30
N VAL A 192 -16.25 -0.52 9.27
CA VAL A 192 -15.98 -0.10 7.89
C VAL A 192 -17.30 0.19 7.17
N VAL A 193 -17.39 1.37 6.54
CA VAL A 193 -18.62 1.82 5.90
C VAL A 193 -18.34 2.36 4.51
N MET A 194 -19.37 2.32 3.65
CA MET A 194 -19.28 2.89 2.31
C MET A 194 -20.11 4.18 2.26
N VAL A 195 -19.59 5.22 1.61
CA VAL A 195 -20.19 6.56 1.66
C VAL A 195 -20.18 7.18 0.27
N THR A 196 -21.31 7.78 -0.13
CA THR A 196 -21.37 8.63 -1.31
C THR A 196 -22.47 9.67 -1.12
N THR A 197 -22.66 10.51 -2.14
CA THR A 197 -23.72 11.50 -2.14
C THR A 197 -24.86 10.94 -2.98
N GLN A 198 -26.09 11.38 -2.66
CA GLN A 198 -27.27 10.82 -3.27
C GLN A 198 -27.28 11.16 -4.75
N ASP A 199 -26.70 12.29 -5.16
CA ASP A 199 -26.64 12.66 -6.57
C ASP A 199 -25.81 11.62 -7.35
N ARG A 200 -24.75 11.11 -6.72
CA ARG A 200 -23.84 10.15 -7.43
C ARG A 200 -24.57 8.82 -7.70
N LEU A 201 -25.54 8.45 -6.85
CA LEU A 201 -26.25 7.20 -7.02
C LEU A 201 -27.38 7.31 -8.05
N GLN A 202 -27.55 8.49 -8.65
CA GLN A 202 -28.38 8.66 -9.82
C GLN A 202 -27.59 8.25 -11.06
N ILE A 203 -26.26 8.15 -10.94
CA ILE A 203 -25.39 7.84 -12.06
C ILE A 203 -25.21 6.32 -12.14
N PRO A 204 -25.60 5.66 -13.25
CA PRO A 204 -25.72 4.19 -13.28
C PRO A 204 -24.50 3.36 -12.84
N PRO A 205 -23.25 3.64 -13.32
CA PRO A 205 -22.09 2.86 -12.90
C PRO A 205 -21.68 3.00 -11.42
N ILE A 206 -21.93 4.17 -10.82
CA ILE A 206 -21.73 4.38 -9.39
C ILE A 206 -22.79 3.60 -8.62
N LYS A 207 -24.05 3.63 -9.09
CA LYS A 207 -25.08 2.82 -8.45
C LYS A 207 -24.73 1.35 -8.57
N HIS A 208 -24.33 0.89 -9.75
CA HIS A 208 -23.98 -0.53 -9.93
C HIS A 208 -22.84 -0.90 -8.98
N PHE A 209 -21.80 -0.05 -8.85
CA PHE A 209 -20.67 -0.37 -7.99
C PHE A 209 -21.12 -0.46 -6.53
N TRP A 210 -21.94 0.54 -6.12
CA TRP A 210 -22.57 0.56 -4.82
C TRP A 210 -23.27 -0.76 -4.54
N GLN A 211 -24.00 -1.25 -5.54
CA GLN A 211 -24.81 -2.45 -5.36
C GLN A 211 -23.90 -3.65 -5.17
N LEU A 212 -22.92 -3.79 -6.06
CA LEU A 212 -21.97 -4.93 -6.02
C LEU A 212 -21.25 -5.00 -4.65
N VAL A 213 -20.85 -3.86 -4.12
CA VAL A 213 -20.14 -3.82 -2.80
C VAL A 213 -21.08 -4.31 -1.69
N ARG A 214 -22.26 -3.72 -1.58
CA ARG A 214 -23.24 -4.06 -0.52
C ARG A 214 -23.57 -5.56 -0.55
N GLU A 215 -23.56 -6.16 -1.74
CA GLU A 215 -24.00 -7.55 -1.87
C GLU A 215 -22.84 -8.55 -1.83
N ASN A 216 -21.60 -8.03 -1.79
CA ASN A 216 -20.38 -8.90 -1.83
C ASN A 216 -19.22 -8.51 -0.88
N ILE A 217 -19.00 -7.25 -0.47
CA ILE A 217 -17.80 -6.85 0.36
C ILE A 217 -18.00 -7.53 1.72
N PRO A 218 -19.15 -7.43 2.40
CA PRO A 218 -19.28 -8.11 3.67
C PRO A 218 -18.70 -9.53 3.54
N PRO A 219 -19.13 -10.40 2.60
CA PRO A 219 -18.54 -11.73 2.43
C PRO A 219 -17.32 -11.75 1.50
N GLU B 7 12.22 13.26 14.81
CA GLU B 7 11.45 12.88 13.58
C GLU B 7 12.35 12.90 12.35
N LEU B 8 12.70 11.72 11.81
CA LEU B 8 13.29 11.60 10.49
C LEU B 8 12.22 11.10 9.50
N CYS B 9 11.91 11.93 8.51
CA CYS B 9 10.82 11.64 7.60
C CYS B 9 11.38 11.21 6.25
N ILE B 10 10.83 10.11 5.73
CA ILE B 10 11.25 9.55 4.45
C ILE B 10 10.02 9.24 3.57
N ALA B 11 10.20 9.68 2.30
CA ALA B 11 9.39 9.28 1.16
C ALA B 11 10.11 8.20 0.36
N ALA B 12 9.40 7.15 0.02
CA ALA B 12 10.07 6.04 -0.68
C ALA B 12 9.14 5.28 -1.63
N ILE B 13 9.72 4.75 -2.70
CA ILE B 13 9.00 3.90 -3.68
C ILE B 13 8.38 2.73 -2.93
N HIS B 14 7.19 2.30 -3.35
CA HIS B 14 6.43 1.23 -2.64
C HIS B 14 7.29 -0.01 -2.46
N SER B 15 8.08 -0.36 -3.45
CA SER B 15 8.91 -1.59 -3.43
C SER B 15 9.93 -1.63 -2.29
N LEU B 16 10.32 -0.50 -1.72
CA LEU B 16 11.49 -0.53 -0.85
C LEU B 16 11.18 -1.05 0.55
N CYS B 17 9.96 -0.91 1.06
CA CYS B 17 9.67 -1.34 2.47
C CYS B 17 9.41 -2.86 2.57
N GLY B 18 9.40 -3.56 1.43
CA GLY B 18 9.25 -5.02 1.44
C GLY B 18 10.37 -5.64 0.62
N SER B 19 11.49 -4.92 0.47
CA SER B 19 12.61 -5.41 -0.38
C SER B 19 13.96 -5.19 0.33
N TYR B 20 14.33 -3.94 0.61
CA TYR B 20 15.69 -3.68 1.17
C TYR B 20 15.66 -2.67 2.31
N LEU B 21 14.68 -1.76 2.34
CA LEU B 21 14.73 -0.71 3.38
C LEU B 21 14.69 -1.23 4.83
N PRO B 22 13.86 -2.22 5.21
CA PRO B 22 13.76 -2.55 6.64
C PRO B 22 15.09 -2.77 7.39
N PRO B 23 16.08 -3.51 6.81
CA PRO B 23 17.43 -3.56 7.38
C PRO B 23 18.05 -2.21 7.74
N VAL B 24 17.85 -1.19 6.87
CA VAL B 24 18.38 0.16 7.08
C VAL B 24 17.65 0.84 8.24
N LEU B 25 16.33 0.67 8.29
CA LEU B 25 15.50 1.28 9.32
C LEU B 25 15.96 0.82 10.70
N GLN B 26 16.15 -0.50 10.83
CA GLN B 26 16.61 -1.14 12.06
C GLN B 26 18.01 -0.64 12.45
N LYS B 27 18.98 -0.65 11.52
CA LYS B 27 20.32 -0.17 11.84
C LYS B 27 20.24 1.29 12.34
N PHE B 28 19.48 2.13 11.64
CA PHE B 28 19.36 3.53 12.03
C PHE B 28 18.83 3.67 13.47
N CYS B 29 17.75 2.96 13.81
CA CYS B 29 17.15 3.06 15.14
C CYS B 29 18.10 2.60 16.24
N ARG B 30 18.86 1.53 15.96
CA ARG B 30 19.92 1.07 16.84
C ARG B 30 20.88 2.22 17.14
N ASP B 31 21.25 2.98 16.10
CA ASP B 31 22.26 4.03 16.20
C ASP B 31 21.67 5.36 16.65
N TYR B 32 20.38 5.63 16.41
CA TYR B 32 19.73 6.84 16.92
C TYR B 32 18.42 6.46 17.60
N PRO B 33 18.47 5.92 18.84
CA PRO B 33 17.28 5.35 19.49
C PRO B 33 16.09 6.28 19.69
N GLU B 34 16.34 7.59 19.81
CA GLU B 34 15.30 8.55 20.18
C GLU B 34 14.70 9.23 18.94
N VAL B 35 15.25 8.97 17.75
CA VAL B 35 14.71 9.58 16.55
C VAL B 35 13.61 8.66 16.01
N GLN B 36 12.35 9.15 16.05
CA GLN B 36 11.22 8.47 15.43
C GLN B 36 11.35 8.54 13.90
N LEU B 37 11.17 7.39 13.25
CA LEU B 37 11.21 7.27 11.80
C LEU B 37 9.80 7.39 11.25
N ARG B 38 9.69 8.02 10.08
CA ARG B 38 8.41 8.13 9.35
C ARG B 38 8.70 7.81 7.88
N VAL B 39 8.22 6.68 7.37
CA VAL B 39 8.52 6.22 6.03
C VAL B 39 7.22 6.13 5.24
N THR B 40 7.05 7.08 4.32
CA THR B 40 5.83 7.20 3.56
C THR B 40 6.08 6.69 2.14
N SER B 41 5.31 5.66 1.78
CA SER B 41 5.39 5.07 0.45
C SER B 41 4.56 5.90 -0.52
N LEU B 42 5.24 6.38 -1.58
CA LEU B 42 4.70 7.35 -2.52
C LEU B 42 5.21 7.06 -3.94
N GLY B 43 4.41 7.47 -4.93
CA GLY B 43 4.89 7.69 -6.28
C GLY B 43 6.03 8.71 -6.32
N SER B 44 7.05 8.42 -7.15
CA SER B 44 8.21 9.27 -7.35
C SER B 44 7.84 10.76 -7.41
N ASP B 45 6.80 11.07 -8.17
CA ASP B 45 6.49 12.46 -8.47
C ASP B 45 6.04 13.13 -7.17
N ARG B 46 5.16 12.47 -6.42
CA ARG B 46 4.71 13.02 -5.12
C ARG B 46 5.91 13.04 -4.15
N ALA B 47 6.74 11.99 -4.18
CA ALA B 47 7.90 11.92 -3.28
C ALA B 47 8.77 13.18 -3.37
N LEU B 48 8.97 13.71 -4.60
CA LEU B 48 9.77 14.92 -4.80
C LEU B 48 9.04 16.20 -4.37
N LYS B 49 7.72 16.31 -4.61
CA LYS B 49 6.93 17.42 -4.09
C LYS B 49 7.18 17.58 -2.58
N VAL B 50 6.97 16.50 -1.80
CA VAL B 50 6.92 16.61 -0.34
C VAL B 50 8.34 16.85 0.19
N LEU B 51 9.38 16.40 -0.51
CA LEU B 51 10.76 16.80 -0.23
C LEU B 51 10.95 18.31 -0.46
N LYS B 52 10.48 18.84 -1.60
CA LYS B 52 10.60 20.25 -1.91
C LYS B 52 9.83 21.07 -0.88
N ASP B 53 8.66 20.56 -0.46
CA ASP B 53 7.83 21.26 0.50
C ASP B 53 8.40 21.21 1.92
N GLY B 54 9.49 20.45 2.14
CA GLY B 54 10.11 20.34 3.46
C GLY B 54 9.42 19.32 4.36
N LEU B 55 8.52 18.51 3.78
CA LEU B 55 7.76 17.52 4.53
C LEU B 55 8.56 16.25 4.76
N VAL B 56 9.50 15.90 3.86
CA VAL B 56 10.44 14.84 4.14
C VAL B 56 11.86 15.42 4.07
N ASP B 57 12.82 14.67 4.64
CA ASP B 57 14.23 15.03 4.61
C ASP B 57 14.99 14.30 3.49
N LEU B 58 14.41 13.23 2.93
CA LEU B 58 15.11 12.34 2.00
C LEU B 58 14.07 11.60 1.15
N ALA B 59 14.35 11.35 -0.12
CA ALA B 59 13.43 10.62 -0.99
C ALA B 59 14.19 9.58 -1.81
N ILE B 60 13.56 8.41 -1.99
CA ILE B 60 14.11 7.34 -2.81
C ILE B 60 13.12 7.15 -3.95
N VAL B 61 13.56 7.48 -5.18
CA VAL B 61 12.63 7.62 -6.29
C VAL B 61 13.23 7.00 -7.55
N MET B 62 12.42 6.99 -8.61
CA MET B 62 12.88 6.44 -9.89
C MET B 62 13.49 7.56 -10.73
N ASN B 63 13.72 7.31 -12.01
CA ASN B 63 14.42 8.31 -12.87
C ASN B 63 13.53 8.99 -13.93
N ASN B 64 12.38 8.42 -14.32
CA ASN B 64 11.46 9.18 -15.22
C ASN B 64 11.45 10.60 -14.66
N ARG B 65 11.64 10.74 -13.34
CA ARG B 65 11.73 12.04 -12.63
C ARG B 65 12.84 11.97 -11.56
N ASP B 72 21.83 22.54 -6.06
CA ASP B 72 22.20 22.11 -4.68
C ASP B 72 21.43 20.84 -4.27
N MET B 73 20.97 20.06 -5.26
CA MET B 73 20.23 18.83 -5.02
C MET B 73 21.19 17.65 -5.19
N VAL B 74 21.47 16.92 -4.12
CA VAL B 74 22.38 15.78 -4.17
C VAL B 74 21.61 14.51 -4.55
N VAL B 75 21.99 13.88 -5.67
CA VAL B 75 21.43 12.62 -6.13
C VAL B 75 22.50 11.53 -6.01
N GLU B 76 22.12 10.31 -5.62
CA GLU B 76 22.96 9.13 -5.75
C GLU B 76 22.16 7.97 -6.33
N VAL B 77 22.76 7.27 -7.31
CA VAL B 77 22.16 6.10 -7.90
C VAL B 77 22.42 4.94 -6.96
N LEU B 78 21.39 4.12 -6.74
CA LEU B 78 21.43 2.98 -5.82
C LEU B 78 21.54 1.65 -6.56
N TYR B 79 20.70 1.46 -7.59
CA TYR B 79 20.72 0.21 -8.35
C TYR B 79 19.82 0.30 -9.58
N ASP B 80 19.99 -0.64 -10.52
CA ASP B 80 19.03 -0.89 -11.58
C ASP B 80 18.50 -2.31 -11.40
N GLU B 81 17.40 -2.58 -12.11
CA GLU B 81 16.66 -3.82 -11.90
C GLU B 81 15.70 -3.94 -13.07
N PRO B 82 15.46 -5.17 -13.56
CA PRO B 82 14.52 -5.36 -14.67
C PRO B 82 13.06 -5.19 -14.25
N ILE B 83 12.23 -4.88 -15.24
CA ILE B 83 10.80 -5.03 -15.14
C ILE B 83 10.44 -6.46 -15.53
N GLU B 84 9.50 -7.03 -14.77
CA GLU B 84 9.02 -8.39 -14.97
C GLU B 84 7.50 -8.37 -15.05
N LEU B 85 6.90 -9.54 -15.30
CA LEU B 85 5.47 -9.67 -15.46
C LEU B 85 4.86 -10.44 -14.30
N LEU B 86 3.75 -9.88 -13.79
CA LEU B 86 2.97 -10.51 -12.75
C LEU B 86 1.70 -11.05 -13.38
N THR B 87 1.28 -12.24 -12.94
CA THR B 87 0.19 -12.92 -13.58
C THR B 87 -0.54 -13.79 -12.56
N ALA B 88 -1.86 -14.01 -12.77
CA ALA B 88 -2.51 -15.15 -12.14
C ALA B 88 -1.72 -16.41 -12.49
N ALA B 89 -1.60 -17.36 -11.55
CA ALA B 89 -0.99 -18.64 -11.87
C ALA B 89 -1.91 -19.33 -12.88
N ASN B 90 -1.32 -19.87 -13.94
CA ASN B 90 -2.15 -20.46 -14.99
C ASN B 90 -2.88 -19.35 -15.77
N HIS B 91 -2.43 -18.08 -15.72
CA HIS B 91 -2.74 -17.19 -16.82
C HIS B 91 -2.00 -17.71 -18.05
N PRO B 92 -2.56 -17.67 -19.27
CA PRO B 92 -1.85 -18.22 -20.43
C PRO B 92 -0.36 -17.86 -20.54
N LEU B 93 0.01 -16.64 -20.12
CA LEU B 93 1.37 -16.14 -20.27
C LEU B 93 2.34 -16.78 -19.27
N ALA B 94 1.80 -17.41 -18.21
CA ALA B 94 2.63 -18.11 -17.24
C ALA B 94 3.20 -19.41 -17.85
N ALA B 95 2.72 -19.81 -19.02
CA ALA B 95 3.27 -20.95 -19.75
C ALA B 95 4.69 -20.66 -20.24
N TYR B 96 5.00 -19.41 -20.61
CA TYR B 96 6.34 -19.05 -21.06
C TYR B 96 7.30 -18.98 -19.87
N GLU B 97 8.56 -19.40 -20.13
CA GLU B 97 9.69 -19.15 -19.25
C GLU B 97 10.01 -17.64 -19.30
N ARG B 98 10.20 -17.13 -20.50
CA ARG B 98 10.32 -15.69 -20.72
C ARG B 98 9.18 -15.29 -21.66
N VAL B 99 8.48 -14.22 -21.29
CA VAL B 99 7.25 -13.84 -21.97
C VAL B 99 7.61 -12.97 -23.17
N PRO B 100 7.28 -13.38 -24.42
CA PRO B 100 7.60 -12.56 -25.59
C PRO B 100 6.64 -11.36 -25.70
N TRP B 101 7.19 -10.29 -26.27
CA TRP B 101 6.50 -9.02 -26.31
C TRP B 101 5.23 -9.13 -27.14
N SER B 102 5.23 -9.94 -28.21
CA SER B 102 4.06 -10.02 -29.07
C SER B 102 2.84 -10.60 -28.35
N GLU B 103 3.04 -11.51 -27.39
CA GLU B 103 1.94 -12.09 -26.62
C GLU B 103 1.45 -11.12 -25.53
N LEU B 104 2.40 -10.59 -24.76
CA LEU B 104 2.17 -9.67 -23.65
C LEU B 104 1.33 -8.46 -24.09
N VAL B 105 1.63 -7.95 -25.30
CA VAL B 105 0.97 -6.79 -25.85
C VAL B 105 -0.53 -7.04 -26.02
N ARG B 106 -0.97 -8.31 -26.08
CA ARG B 106 -2.36 -8.62 -26.39
C ARG B 106 -3.29 -8.47 -25.18
N TYR B 107 -2.75 -8.51 -23.94
CA TYR B 107 -3.58 -8.72 -22.75
C TYR B 107 -3.74 -7.43 -21.95
N PRO B 108 -4.94 -7.15 -21.43
CA PRO B 108 -5.20 -5.95 -20.64
C PRO B 108 -4.43 -5.96 -19.32
N GLN B 109 -4.06 -4.77 -18.84
CA GLN B 109 -3.17 -4.62 -17.69
C GLN B 109 -3.90 -3.93 -16.54
N VAL B 110 -3.40 -4.13 -15.30
CA VAL B 110 -3.56 -3.17 -14.22
C VAL B 110 -2.38 -2.22 -14.35
N VAL B 111 -2.56 -0.94 -14.00
CA VAL B 111 -1.46 0.02 -14.06
C VAL B 111 -1.45 0.91 -12.82
N PHE B 112 -0.30 1.53 -12.59
CA PHE B 112 -0.21 2.63 -11.65
C PHE B 112 -0.99 3.84 -12.15
N LYS B 113 -1.53 4.60 -11.19
CA LYS B 113 -2.11 5.91 -11.45
C LYS B 113 -1.02 6.91 -11.81
N ASP B 114 -1.44 8.12 -12.22
CA ASP B 114 -0.51 9.18 -12.56
C ASP B 114 0.32 9.56 -11.34
N GLY B 115 1.57 9.98 -11.61
CA GLY B 115 2.50 10.43 -10.58
C GLY B 115 3.44 9.31 -10.14
N TYR B 116 3.30 8.14 -10.79
CA TYR B 116 4.23 7.02 -10.55
C TYR B 116 5.11 6.91 -11.80
N GLY B 117 6.41 6.68 -11.61
CA GLY B 117 7.34 6.55 -12.75
C GLY B 117 7.06 5.29 -13.56
N MET B 118 7.03 4.13 -12.89
CA MET B 118 6.73 2.85 -13.58
C MET B 118 5.61 3.10 -14.60
N GLN B 119 4.58 3.85 -14.21
CA GLN B 119 3.48 4.18 -15.15
C GLN B 119 4.06 4.84 -16.40
N ARG B 120 4.85 5.91 -16.21
CA ARG B 120 5.43 6.64 -17.37
C ARG B 120 6.45 5.73 -18.06
N LEU B 121 6.96 4.71 -17.35
CA LEU B 121 7.86 3.77 -17.98
C LEU B 121 7.09 2.84 -18.91
N VAL B 122 5.92 2.35 -18.49
CA VAL B 122 5.15 1.40 -19.28
C VAL B 122 4.52 2.11 -20.48
N GLN B 123 4.03 3.34 -20.29
CA GLN B 123 3.56 4.18 -21.40
C GLN B 123 4.63 4.37 -22.47
N GLU B 124 5.82 4.84 -22.06
CA GLU B 124 6.97 5.08 -22.94
C GLU B 124 7.26 3.82 -23.77
N LYS B 125 7.29 2.65 -23.12
CA LYS B 125 7.61 1.41 -23.83
C LYS B 125 6.60 1.17 -24.94
N PHE B 126 5.31 1.32 -24.63
CA PHE B 126 4.25 0.99 -25.58
C PHE B 126 4.15 2.04 -26.68
N GLU B 127 4.60 3.27 -26.42
CA GLU B 127 4.69 4.31 -27.44
C GLU B 127 5.75 3.90 -28.46
N ARG B 128 6.96 3.55 -27.99
CA ARG B 128 8.04 3.05 -28.84
C ARG B 128 7.63 1.80 -29.63
N LEU B 129 6.79 0.93 -29.04
CA LEU B 129 6.38 -0.32 -29.67
C LEU B 129 5.31 -0.08 -30.73
N GLU B 130 4.53 1.01 -30.58
CA GLU B 130 3.38 1.29 -31.41
C GLU B 130 2.30 0.21 -31.22
N ALA B 131 2.28 -0.40 -30.03
CA ALA B 131 1.17 -1.24 -29.62
C ALA B 131 0.31 -0.46 -28.64
N THR B 132 -1.02 -0.57 -28.77
CA THR B 132 -1.91 0.20 -27.91
C THR B 132 -1.87 -0.42 -26.51
N LEU B 133 -1.77 0.45 -25.50
CA LEU B 133 -1.68 0.07 -24.09
C LEU B 133 -3.10 -0.02 -23.54
N GLN B 134 -3.48 -1.19 -23.06
CA GLN B 134 -4.86 -1.44 -22.65
C GLN B 134 -4.95 -1.32 -21.13
N ALA B 135 -5.36 -0.13 -20.65
CA ALA B 135 -5.28 0.24 -19.25
C ALA B 135 -6.64 0.08 -18.61
N ALA B 136 -6.99 -1.17 -18.30
CA ALA B 136 -8.29 -1.49 -17.74
C ALA B 136 -8.54 -0.68 -16.46
N LEU B 137 -7.52 -0.59 -15.60
CA LEU B 137 -7.73 -0.34 -14.19
C LEU B 137 -6.47 0.28 -13.60
N GLU B 138 -6.65 1.35 -12.83
CA GLU B 138 -5.55 2.05 -12.18
C GLU B 138 -5.57 1.84 -10.67
N VAL B 139 -4.39 1.59 -10.09
CA VAL B 139 -4.21 1.38 -8.64
C VAL B 139 -2.99 2.17 -8.16
N ASN B 140 -2.76 2.17 -6.84
CA ASN B 140 -1.66 2.92 -6.25
C ASN B 140 -0.92 2.15 -5.15
N THR B 141 -1.09 0.82 -5.04
CA THR B 141 -0.31 0.03 -4.08
C THR B 141 0.03 -1.34 -4.67
N LEU B 142 1.10 -1.97 -4.16
CA LEU B 142 1.48 -3.29 -4.63
C LEU B 142 0.48 -4.36 -4.18
N ASP B 143 -0.09 -4.15 -2.99
CA ASP B 143 -1.17 -5.06 -2.53
C ASP B 143 -2.27 -5.02 -3.58
N ALA B 144 -2.76 -3.82 -3.93
CA ALA B 144 -3.85 -3.77 -4.89
C ALA B 144 -3.44 -4.51 -6.17
N PHE B 145 -2.18 -4.31 -6.61
CA PHE B 145 -1.70 -5.02 -7.79
C PHE B 145 -1.91 -6.53 -7.65
N ARG B 146 -1.45 -7.12 -6.53
CA ARG B 146 -1.56 -8.56 -6.36
C ARG B 146 -3.02 -9.01 -6.25
N GLY B 147 -3.84 -8.24 -5.51
CA GLY B 147 -5.24 -8.55 -5.31
C GLY B 147 -6.01 -8.65 -6.64
N VAL B 148 -5.70 -7.74 -7.58
CA VAL B 148 -6.36 -7.65 -8.87
C VAL B 148 -5.85 -8.78 -9.77
N VAL B 149 -4.53 -8.90 -9.90
CA VAL B 149 -4.00 -9.87 -10.83
C VAL B 149 -4.42 -11.30 -10.42
N ARG B 150 -4.63 -11.51 -9.12
CA ARG B 150 -5.11 -12.78 -8.58
C ARG B 150 -6.44 -13.19 -9.24
N GLN B 151 -7.29 -12.20 -9.50
CA GLN B 151 -8.64 -12.39 -10.04
C GLN B 151 -8.62 -12.89 -11.49
N GLY B 152 -7.48 -12.81 -12.18
CA GLY B 152 -7.23 -13.63 -13.36
C GLY B 152 -7.42 -12.90 -14.69
N GLU B 153 -8.01 -11.70 -14.68
CA GLU B 153 -8.30 -11.01 -15.92
C GLU B 153 -7.07 -10.25 -16.44
N LEU B 154 -6.35 -9.57 -15.54
CA LEU B 154 -5.38 -8.56 -15.88
C LEU B 154 -3.98 -9.01 -15.48
N ILE B 155 -2.99 -8.47 -16.18
CA ILE B 155 -1.57 -8.67 -15.92
C ILE B 155 -0.93 -7.34 -15.56
N ALA B 156 0.28 -7.39 -14.99
CA ALA B 156 0.94 -6.19 -14.56
C ALA B 156 2.44 -6.29 -14.86
N LEU B 157 3.03 -5.17 -15.33
CA LEU B 157 4.47 -5.00 -15.44
C LEU B 157 5.02 -4.28 -14.22
N LEU B 158 5.94 -4.93 -13.49
CA LEU B 158 6.40 -4.44 -12.20
C LEU B 158 7.90 -4.70 -12.03
N PRO B 159 8.61 -3.83 -11.29
CA PRO B 159 10.04 -4.00 -11.04
C PRO B 159 10.25 -5.24 -10.18
N SER B 160 11.45 -5.82 -10.30
CA SER B 160 11.76 -7.12 -9.74
C SER B 160 11.59 -7.13 -8.21
N SER B 161 12.14 -6.11 -7.54
CA SER B 161 12.03 -5.92 -6.09
C SER B 161 10.60 -5.71 -5.59
N ALA B 162 9.63 -5.37 -6.47
CA ALA B 162 8.23 -5.27 -6.07
C ALA B 162 7.53 -6.63 -5.97
N LEU B 163 8.21 -7.71 -6.34
CA LEU B 163 7.57 -8.98 -6.59
C LEU B 163 8.05 -10.05 -5.62
N VAL B 164 8.62 -9.66 -4.47
CA VAL B 164 9.21 -10.58 -3.50
C VAL B 164 8.13 -11.49 -2.93
N GLU B 165 7.01 -10.90 -2.45
CA GLU B 165 5.89 -11.65 -1.88
C GLU B 165 5.16 -12.39 -3.01
N ALA B 166 5.04 -11.74 -4.17
CA ALA B 166 4.40 -12.34 -5.33
C ALA B 166 4.99 -13.71 -5.68
N ARG B 167 6.32 -13.87 -5.62
CA ARG B 167 6.96 -15.11 -6.06
C ARG B 167 6.54 -16.31 -5.20
N LEU B 168 6.20 -16.06 -3.92
CA LEU B 168 5.85 -17.12 -2.97
C LEU B 168 4.33 -17.33 -2.88
N ASP B 169 3.53 -16.60 -3.66
CA ASP B 169 2.08 -16.71 -3.59
C ASP B 169 1.68 -17.72 -4.66
N PRO B 170 1.07 -18.88 -4.31
CA PRO B 170 0.72 -19.89 -5.31
C PRO B 170 -0.45 -19.47 -6.18
N THR B 171 -1.09 -18.34 -5.84
CA THR B 171 -2.15 -17.80 -6.67
C THR B 171 -1.56 -16.98 -7.83
N LEU B 172 -0.26 -16.66 -7.73
CA LEU B 172 0.37 -15.74 -8.67
C LEU B 172 1.55 -16.41 -9.35
N ALA B 173 1.97 -15.82 -10.47
CA ALA B 173 3.14 -16.20 -11.22
C ALA B 173 3.94 -14.96 -11.65
N VAL B 174 5.26 -15.07 -11.58
CA VAL B 174 6.16 -14.00 -11.98
C VAL B 174 7.06 -14.52 -13.08
N ARG B 175 7.25 -13.70 -14.13
CA ARG B 175 8.00 -14.12 -15.29
C ARG B 175 8.87 -12.98 -15.82
N PRO B 176 10.18 -13.22 -16.07
CA PRO B 176 11.01 -12.28 -16.82
C PRO B 176 10.48 -12.07 -18.23
N LEU B 177 10.88 -10.96 -18.86
CA LEU B 177 10.50 -10.62 -20.23
C LEU B 177 11.63 -10.99 -21.19
N ALA B 178 11.27 -11.32 -22.44
CA ALA B 178 12.23 -11.80 -23.45
C ALA B 178 13.33 -10.75 -23.71
N GLY B 187 17.01 -4.88 -22.20
CA GLY B 187 15.57 -5.10 -21.87
C GLY B 187 14.97 -3.92 -21.11
N LEU B 188 13.72 -4.08 -20.66
CA LEU B 188 13.05 -3.03 -19.91
C LEU B 188 13.57 -3.03 -18.47
N THR B 189 14.01 -1.84 -18.03
CA THR B 189 14.82 -1.68 -16.84
C THR B 189 14.40 -0.36 -16.17
N ARG B 190 14.63 -0.23 -14.85
CA ARG B 190 14.48 1.06 -14.17
C ARG B 190 15.70 1.26 -13.27
N ARG B 191 16.01 2.54 -12.96
CA ARG B 191 17.04 2.89 -11.99
C ARG B 191 16.38 3.50 -10.75
N VAL B 192 16.84 3.12 -9.58
CA VAL B 192 16.39 3.75 -8.35
C VAL B 192 17.50 4.64 -7.78
N VAL B 193 17.13 5.87 -7.38
CA VAL B 193 18.06 6.90 -6.90
C VAL B 193 17.59 7.46 -5.55
N MET B 194 18.55 8.00 -4.78
CA MET B 194 18.31 8.65 -3.50
C MET B 194 18.61 10.14 -3.63
N VAL B 195 17.80 10.98 -2.96
CA VAL B 195 17.74 12.41 -3.25
C VAL B 195 17.45 13.21 -1.98
N THR B 196 18.25 14.27 -1.77
CA THR B 196 18.15 15.17 -0.64
C THR B 196 18.80 16.51 -1.01
N THR B 197 18.85 17.47 -0.07
CA THR B 197 19.63 18.68 -0.26
C THR B 197 20.93 18.65 0.56
N GLN B 198 21.80 19.61 0.25
CA GLN B 198 23.13 19.73 0.81
C GLN B 198 23.08 20.14 2.29
N ASP B 199 22.27 21.16 2.59
CA ASP B 199 22.06 21.63 3.95
C ASP B 199 21.57 20.47 4.83
N ARG B 200 20.90 19.47 4.24
CA ARG B 200 20.30 18.39 5.01
C ARG B 200 21.39 17.43 5.47
N LEU B 201 22.42 17.24 4.64
CA LEU B 201 23.53 16.35 4.96
C LEU B 201 24.46 16.91 6.05
N GLN B 202 24.26 18.16 6.49
CA GLN B 202 24.99 18.70 7.63
C GLN B 202 24.31 18.28 8.92
N ILE B 203 23.13 17.65 8.80
CA ILE B 203 22.40 17.08 9.93
C ILE B 203 22.89 15.65 10.07
N PRO B 204 23.61 15.29 11.15
CA PRO B 204 24.21 13.95 11.27
C PRO B 204 23.23 12.77 11.15
N PRO B 205 22.06 12.73 11.84
CA PRO B 205 21.13 11.63 11.64
C PRO B 205 20.66 11.47 10.20
N ILE B 206 20.45 12.59 9.49
CA ILE B 206 20.08 12.49 8.09
C ILE B 206 21.27 11.93 7.32
N LYS B 207 22.45 12.54 7.49
CA LYS B 207 23.65 12.07 6.82
C LYS B 207 23.80 10.58 7.08
N HIS B 208 23.66 10.18 8.35
CA HIS B 208 23.81 8.79 8.76
C HIS B 208 22.87 7.85 7.99
N PHE B 209 21.58 8.19 7.89
CA PHE B 209 20.62 7.41 7.11
C PHE B 209 21.05 7.33 5.65
N TRP B 210 21.54 8.47 5.13
CA TRP B 210 22.00 8.51 3.73
C TRP B 210 23.14 7.49 3.56
N GLN B 211 24.12 7.53 4.46
CA GLN B 211 25.29 6.60 4.34
C GLN B 211 24.83 5.18 4.68
N LEU B 212 24.01 5.03 5.72
CA LEU B 212 23.42 3.69 6.01
C LEU B 212 22.88 3.13 4.70
N VAL B 213 21.89 3.80 4.11
CA VAL B 213 21.25 3.27 2.87
C VAL B 213 22.33 2.73 1.93
N ARG B 214 23.33 3.54 1.59
CA ARG B 214 24.37 3.09 0.61
C ARG B 214 25.31 2.09 1.27
N GLU B 215 25.61 2.29 2.56
CA GLU B 215 26.51 1.36 3.31
C GLU B 215 26.06 -0.08 3.04
N ASN B 216 24.76 -0.35 3.24
CA ASN B 216 24.23 -1.72 3.00
C ASN B 216 23.60 -1.78 1.60
#